data_4CO0
#
_entry.id   4CO0
#
_cell.length_a   86.550
_cell.length_b   86.550
_cell.length_c   65.130
_cell.angle_alpha   90.00
_cell.angle_beta   90.00
_cell.angle_gamma   120.00
#
_symmetry.space_group_name_H-M   'H 3'
#
loop_
_entity.id
_entity.type
_entity.pdbx_description
1 polymer 'PII-LIKE PROTEIN PZ'
2 non-polymer "ADENOSINE-5'-DIPHOSPHATE"
3 non-polymer 'L(+)-TARTARIC ACID'
4 water water
#
_entity_poly.entity_id   1
_entity_poly.type   'polypeptide(L)'
_entity_poly.pdbx_seq_one_letter_code
;MKLVMAIIKPFKLDEVREALTSLGIQGLTVSEVKGFGRQKGQTEIYRGAEYSVSFLPKVKVEVAVSDDQYEQVVEAIQKA
ANTGRIGDGKIFVLDIAQAVRIRTGETNTEAL
;
_entity_poly.pdbx_strand_id   A,B
#
loop_
_chem_comp.id
_chem_comp.type
_chem_comp.name
_chem_comp.formula
ADP non-polymer ADENOSINE-5'-DIPHOSPHATE 'C10 H15 N5 O10 P2'
TLA non-polymer 'L(+)-TARTARIC ACID' 'C4 H6 O6'
#
# COMPACT_ATOMS: atom_id res chain seq x y z
N MET A 1 -8.22 24.73 -15.68
CA MET A 1 -8.13 23.45 -15.00
CA MET A 1 -8.11 23.45 -14.99
C MET A 1 -7.76 23.67 -13.53
N LYS A 2 -8.28 22.79 -12.68
CA LYS A 2 -8.03 22.90 -11.24
CA LYS A 2 -8.03 22.89 -11.24
C LYS A 2 -7.65 21.54 -10.67
N LEU A 3 -6.82 21.56 -9.62
CA LEU A 3 -6.53 20.36 -8.85
C LEU A 3 -7.33 20.48 -7.58
N VAL A 4 -8.25 19.55 -7.37
CA VAL A 4 -9.01 19.53 -6.14
C VAL A 4 -8.36 18.52 -5.22
N MET A 5 -7.94 18.99 -4.05
CA MET A 5 -7.25 18.15 -3.07
C MET A 5 -8.10 18.07 -1.82
N ALA A 6 -8.53 16.87 -1.46
CA ALA A 6 -9.37 16.69 -0.29
C ALA A 6 -8.68 15.78 0.71
N ILE A 7 -8.71 16.17 1.98
CA ILE A 7 -8.20 15.34 3.06
C ILE A 7 -9.42 14.90 3.84
N ILE A 8 -9.67 13.59 3.85
CA ILE A 8 -10.91 13.02 4.39
C ILE A 8 -10.68 11.86 5.34
N LYS A 9 -11.71 11.47 6.08
CA LYS A 9 -11.61 10.28 6.93
C LYS A 9 -11.51 9.04 6.03
N PRO A 10 -10.63 8.08 6.37
CA PRO A 10 -10.43 6.94 5.45
C PRO A 10 -11.72 6.17 5.13
N PHE A 11 -12.62 6.08 6.12
CA PHE A 11 -13.86 5.33 5.93
C PHE A 11 -14.87 6.03 5.02
N LYS A 12 -14.56 7.24 4.59
CA LYS A 12 -15.41 7.98 3.65
C LYS A 12 -14.93 7.89 2.19
N LEU A 13 -13.81 7.21 1.95
CA LEU A 13 -13.26 7.16 0.59
C LEU A 13 -14.22 6.56 -0.43
N ASP A 14 -14.84 5.45 -0.07
CA ASP A 14 -15.74 4.81 -1.04
C ASP A 14 -16.98 5.66 -1.36
N GLU A 15 -17.55 6.33 -0.36
CA GLU A 15 -18.66 7.26 -0.60
C GLU A 15 -18.25 8.43 -1.49
N VAL A 16 -17.06 8.96 -1.28
CA VAL A 16 -16.56 10.06 -2.11
C VAL A 16 -16.34 9.58 -3.55
N ARG A 17 -15.76 8.40 -3.71
CA ARG A 17 -15.57 7.82 -5.04
CA ARG A 17 -15.56 7.84 -5.04
C ARG A 17 -16.89 7.66 -5.77
N GLU A 18 -17.89 7.15 -5.07
CA GLU A 18 -19.21 6.96 -5.67
C GLU A 18 -19.84 8.29 -6.11
N ALA A 19 -19.70 9.32 -5.29
CA ALA A 19 -20.25 10.62 -5.62
C ALA A 19 -19.58 11.20 -6.86
N LEU A 20 -18.27 11.00 -6.96
CA LEU A 20 -17.53 11.50 -8.11
C LEU A 20 -17.85 10.72 -9.38
N THR A 21 -17.98 9.41 -9.26
CA THR A 21 -18.38 8.58 -10.39
C THR A 21 -19.75 9.02 -10.94
N SER A 22 -20.66 9.39 -10.06
CA SER A 22 -21.99 9.81 -10.47
CA SER A 22 -22.00 9.81 -10.49
C SER A 22 -21.93 11.10 -11.31
N LEU A 23 -20.87 11.87 -11.11
CA LEU A 23 -20.64 13.10 -11.85
C LEU A 23 -19.89 12.85 -13.15
N GLY A 24 -19.47 11.62 -13.38
CA GLY A 24 -18.68 11.30 -14.55
C GLY A 24 -17.18 11.45 -14.33
N ILE A 25 -16.79 11.61 -13.07
CA ILE A 25 -15.38 11.71 -12.68
C ILE A 25 -14.94 10.38 -12.06
N GLN A 26 -14.11 9.62 -12.76
CA GLN A 26 -13.67 8.33 -12.25
C GLN A 26 -12.17 8.25 -12.04
N GLY A 27 -11.46 9.20 -12.63
CA GLY A 27 -10.01 9.28 -12.46
C GLY A 27 -9.64 10.13 -11.26
N LEU A 28 -9.00 9.51 -10.29
CA LEU A 28 -8.47 10.23 -9.15
C LEU A 28 -7.30 9.49 -8.55
N THR A 29 -6.49 10.22 -7.78
CA THR A 29 -5.30 9.68 -7.15
C THR A 29 -5.40 9.82 -5.64
N VAL A 30 -5.17 8.73 -4.91
CA VAL A 30 -5.37 8.69 -3.47
C VAL A 30 -4.05 8.42 -2.75
N SER A 31 -3.78 9.17 -1.70
CA SER A 31 -2.57 9.02 -0.89
C SER A 31 -2.96 8.75 0.56
N GLU A 32 -2.21 7.88 1.23
CA GLU A 32 -2.37 7.70 2.66
C GLU A 32 -1.56 8.77 3.37
N VAL A 33 -2.18 9.47 4.30
CA VAL A 33 -1.48 10.53 5.03
C VAL A 33 -1.74 10.45 6.54
N LYS A 34 -0.96 11.21 7.30
CA LYS A 34 -1.16 11.34 8.73
C LYS A 34 -1.65 12.75 9.02
N GLY A 35 -2.68 12.84 9.86
CA GLY A 35 -3.24 14.13 10.21
C GLY A 35 -2.86 14.62 11.58
N PHE A 36 -2.70 15.93 11.68
CA PHE A 36 -2.55 16.64 12.94
C PHE A 36 -3.57 17.77 12.92
N GLY A 37 -4.27 17.95 14.04
CA GLY A 37 -5.31 18.96 14.08
C GLY A 37 -5.86 19.24 15.46
N ARG A 38 -7.15 19.53 15.52
CA ARG A 38 -7.83 19.93 16.75
C ARG A 38 -7.67 18.91 17.88
N GLN A 42 -1.25 11.44 20.87
CA GLN A 42 -0.48 11.05 22.04
C GLN A 42 1.01 11.28 21.82
N THR A 43 1.70 11.69 22.87
CA THR A 43 3.14 11.93 22.81
C THR A 43 3.86 11.25 23.97
N GLU A 44 5.15 10.98 23.78
CA GLU A 44 5.96 10.39 24.83
C GLU A 44 7.29 11.13 24.89
N ILE A 45 7.72 11.48 26.09
CA ILE A 45 8.96 12.21 26.29
C ILE A 45 10.13 11.27 26.40
N TYR A 46 11.04 11.32 25.45
CA TYR A 46 12.20 10.45 25.46
C TYR A 46 13.49 11.19 25.13
N ARG A 47 14.46 11.12 26.04
CA ARG A 47 15.76 11.75 25.86
C ARG A 47 15.63 13.22 25.45
N GLY A 48 14.83 13.97 26.19
CA GLY A 48 14.78 15.41 26.01
C GLY A 48 13.55 15.98 25.34
N ALA A 49 13.02 15.28 24.34
CA ALA A 49 11.93 15.84 23.54
C ALA A 49 10.63 15.03 23.52
N GLU A 50 9.54 15.73 23.23
CA GLU A 50 8.24 15.09 23.08
C GLU A 50 8.13 14.40 21.73
N TYR A 51 7.83 13.11 21.74
CA TYR A 51 7.76 12.33 20.51
C TYR A 51 6.34 11.89 20.20
N SER A 52 5.87 12.13 18.98
CA SER A 52 4.53 11.72 18.59
C SER A 52 4.49 10.20 18.46
N VAL A 53 3.62 9.58 19.25
CA VAL A 53 3.51 8.12 19.21
C VAL A 53 2.18 7.61 18.67
N SER A 54 1.23 8.50 18.42
CA SER A 54 0.01 8.10 17.72
C SER A 54 -0.30 9.12 16.65
N PHE A 55 -1.00 8.68 15.61
CA PHE A 55 -1.33 9.55 14.50
C PHE A 55 -2.77 9.33 14.05
N LEU A 56 -3.35 10.34 13.42
CA LEU A 56 -4.69 10.21 12.87
C LEU A 56 -4.58 9.88 11.38
N PRO A 57 -4.99 8.67 11.00
CA PRO A 57 -4.92 8.35 9.56
C PRO A 57 -5.94 9.17 8.78
N LYS A 58 -5.52 9.70 7.65
CA LYS A 58 -6.45 10.35 6.74
C LYS A 58 -6.14 9.87 5.33
N VAL A 59 -7.02 10.14 4.40
CA VAL A 59 -6.67 9.90 3.03
CA VAL A 59 -6.81 9.87 2.98
C VAL A 59 -6.77 11.20 2.23
N LYS A 60 -5.79 11.38 1.35
CA LYS A 60 -5.77 12.56 0.49
C LYS A 60 -6.24 12.16 -0.90
N VAL A 61 -7.28 12.83 -1.38
CA VAL A 61 -7.82 12.58 -2.70
C VAL A 61 -7.44 13.75 -3.59
N GLU A 62 -6.78 13.46 -4.70
CA GLU A 62 -6.41 14.50 -5.66
C GLU A 62 -7.06 14.22 -6.99
N VAL A 63 -7.80 15.18 -7.50
CA VAL A 63 -8.44 15.01 -8.79
C VAL A 63 -8.33 16.28 -9.63
N ALA A 64 -7.75 16.14 -10.81
CA ALA A 64 -7.67 17.22 -11.78
C ALA A 64 -8.95 17.29 -12.58
N VAL A 65 -9.54 18.47 -12.68
CA VAL A 65 -10.83 18.66 -13.32
C VAL A 65 -10.88 19.98 -14.09
N SER A 66 -11.85 20.14 -14.97
CA SER A 66 -11.95 21.36 -15.76
C SER A 66 -12.53 22.49 -14.93
N ASP A 67 -12.33 23.73 -15.39
CA ASP A 67 -12.90 24.89 -14.72
C ASP A 67 -14.42 24.82 -14.65
N ASP A 68 -15.03 24.13 -15.61
CA ASP A 68 -16.50 23.98 -15.63
C ASP A 68 -17.01 22.93 -14.65
N GLN A 69 -16.10 22.07 -14.18
CA GLN A 69 -16.45 20.93 -13.32
C GLN A 69 -16.14 21.13 -11.84
N TYR A 70 -15.19 22.02 -11.53
CA TYR A 70 -14.58 21.99 -10.21
C TYR A 70 -15.53 22.32 -9.07
N GLU A 71 -16.45 23.24 -9.30
CA GLU A 71 -17.40 23.64 -8.26
C GLU A 71 -18.29 22.48 -7.85
N GLN A 72 -18.82 21.76 -8.84
CA GLN A 72 -19.63 20.57 -8.57
C GLN A 72 -18.82 19.49 -7.87
N VAL A 73 -17.56 19.33 -8.24
CA VAL A 73 -16.70 18.33 -7.62
C VAL A 73 -16.47 18.65 -6.13
N VAL A 74 -16.19 19.91 -5.83
CA VAL A 74 -16.00 20.34 -4.45
C VAL A 74 -17.27 20.06 -3.65
N GLU A 75 -18.42 20.41 -4.22
CA GLU A 75 -19.70 20.19 -3.56
C GLU A 75 -19.96 18.71 -3.31
N ALA A 76 -19.68 17.87 -4.30
CA ALA A 76 -19.92 16.44 -4.15
C ALA A 76 -19.02 15.80 -3.10
N ILE A 77 -17.76 16.22 -3.04
CA ILE A 77 -16.85 15.69 -2.04
C ILE A 77 -17.29 16.13 -0.64
N GLN A 78 -17.61 17.41 -0.49
CA GLN A 78 -18.03 17.95 0.81
C GLN A 78 -19.24 17.19 1.35
N LYS A 79 -20.22 16.95 0.49
CA LYS A 79 -21.45 16.31 0.91
C LYS A 79 -21.21 14.84 1.27
N ALA A 80 -20.37 14.17 0.50
CA ALA A 80 -20.13 12.74 0.73
C ALA A 80 -19.23 12.48 1.93
N ALA A 81 -18.24 13.36 2.15
CA ALA A 81 -17.27 13.14 3.21
C ALA A 81 -17.71 13.67 4.57
N ASN A 82 -18.78 14.46 4.59
CA ASN A 82 -19.27 15.05 5.83
C ASN A 82 -19.86 14.04 6.82
N THR A 83 -19.46 14.16 8.07
CA THR A 83 -20.17 13.47 9.16
C THR A 83 -20.77 14.48 10.14
N GLY A 84 -20.16 15.66 10.20
CA GLY A 84 -20.57 16.68 11.16
C GLY A 84 -19.76 16.58 12.43
N ARG A 85 -18.92 15.56 12.52
CA ARG A 85 -18.05 15.35 13.67
C ARG A 85 -16.66 15.89 13.39
N ILE A 86 -15.91 16.17 14.44
CA ILE A 86 -14.57 16.68 14.32
C ILE A 86 -13.71 15.76 13.46
N GLY A 87 -12.87 16.36 12.62
CA GLY A 87 -11.88 15.61 11.87
C GLY A 87 -12.28 15.28 10.44
N ASP A 88 -13.44 15.78 10.01
CA ASP A 88 -13.94 15.50 8.66
C ASP A 88 -12.96 15.92 7.56
N GLY A 89 -12.18 16.96 7.83
CA GLY A 89 -11.13 17.37 6.90
C GLY A 89 -11.43 18.60 6.08
N LYS A 90 -10.70 18.74 4.98
CA LYS A 90 -10.60 19.98 4.22
C LYS A 90 -10.58 19.70 2.74
N ILE A 91 -11.05 20.66 1.96
CA ILE A 91 -10.86 20.62 0.51
C ILE A 91 -10.12 21.89 0.08
N PHE A 92 -9.06 21.71 -0.70
CA PHE A 92 -8.29 22.82 -1.23
C PHE A 92 -8.31 22.75 -2.75
N VAL A 93 -8.51 23.89 -3.39
CA VAL A 93 -8.49 23.96 -4.86
C VAL A 93 -7.26 24.73 -5.29
N LEU A 94 -6.49 24.15 -6.20
CA LEU A 94 -5.31 24.82 -6.73
C LEU A 94 -5.38 24.88 -8.25
N ASP A 95 -4.72 25.87 -8.83
CA ASP A 95 -4.74 26.02 -10.29
C ASP A 95 -3.73 25.07 -10.96
N ILE A 96 -4.15 24.44 -12.05
CA ILE A 96 -3.26 23.67 -12.89
C ILE A 96 -2.96 24.47 -14.14
N ALA A 97 -1.67 24.68 -14.40
CA ALA A 97 -1.22 25.46 -15.54
C ALA A 97 -1.27 24.67 -16.85
N GLN A 98 -0.97 23.38 -16.77
CA GLN A 98 -0.90 22.54 -17.95
C GLN A 98 -1.08 21.09 -17.55
N ALA A 99 -1.65 20.27 -18.42
CA ALA A 99 -1.75 18.83 -18.16
C ALA A 99 -1.44 18.02 -19.41
N VAL A 100 -0.91 16.83 -19.20
CA VAL A 100 -0.59 15.92 -20.30
C VAL A 100 -1.05 14.50 -19.96
N ARG A 101 -1.67 13.82 -20.93
CA ARG A 101 -1.95 12.40 -20.81
C ARG A 101 -0.75 11.65 -21.37
N ILE A 102 -0.11 10.85 -20.52
CA ILE A 102 1.15 10.22 -20.87
C ILE A 102 1.02 9.23 -22.05
N ARG A 103 -0.10 8.51 -22.09
CA ARG A 103 -0.34 7.50 -23.13
C ARG A 103 -0.39 8.08 -24.56
N THR A 104 -0.93 9.29 -24.69
CA THR A 104 -1.27 9.83 -26.00
C THR A 104 -0.58 11.15 -26.33
N GLY A 105 -0.12 11.88 -25.32
CA GLY A 105 0.38 13.21 -25.56
C GLY A 105 -0.70 14.27 -25.61
N GLU A 106 -1.95 13.88 -25.36
CA GLU A 106 -3.05 14.83 -25.31
C GLU A 106 -2.81 15.84 -24.20
N THR A 107 -3.31 17.05 -24.37
CA THR A 107 -3.01 18.12 -23.44
C THR A 107 -4.26 18.75 -22.87
N ASN A 108 -4.07 19.32 -21.69
CA ASN A 108 -5.08 20.15 -21.04
C ASN A 108 -6.42 19.44 -20.84
N THR A 109 -7.55 20.05 -21.18
CA THR A 109 -8.84 19.42 -20.95
C THR A 109 -8.99 18.01 -21.53
N GLU A 110 -8.37 17.78 -22.68
CA GLU A 110 -8.48 16.49 -23.37
C GLU A 110 -7.60 15.41 -22.73
N ALA A 111 -6.82 15.80 -21.72
CA ALA A 111 -5.96 14.87 -21.01
C ALA A 111 -6.61 14.34 -19.74
N LEU A 112 -7.67 14.99 -19.28
CA LEU A 112 -8.17 14.76 -17.92
C LEU A 112 -9.00 13.48 -17.75
N MET B 1 2.55 -29.35 8.38
CA MET B 1 2.56 -28.14 7.59
CA MET B 1 2.55 -28.12 7.60
C MET B 1 3.69 -27.22 8.00
N LYS B 2 4.14 -26.40 7.05
CA LYS B 2 5.24 -25.47 7.28
C LYS B 2 4.91 -24.08 6.76
N LEU B 3 5.45 -23.05 7.41
CA LEU B 3 5.40 -21.69 6.90
C LEU B 3 6.77 -21.38 6.30
N VAL B 4 6.80 -21.20 4.98
CA VAL B 4 8.03 -20.80 4.34
C VAL B 4 8.07 -19.27 4.29
N MET B 5 9.08 -18.69 4.91
CA MET B 5 9.23 -17.24 4.96
C MET B 5 10.49 -16.83 4.21
N ALA B 6 10.34 -16.06 3.15
CA ALA B 6 11.49 -15.66 2.34
C ALA B 6 11.63 -14.15 2.29
N ILE B 7 12.85 -13.66 2.50
CA ILE B 7 13.14 -12.24 2.40
CA ILE B 7 13.12 -12.25 2.39
C ILE B 7 13.98 -12.04 1.16
N ILE B 8 13.42 -11.33 0.16
CA ILE B 8 14.02 -11.24 -1.16
C ILE B 8 14.12 -9.80 -1.67
N LYS B 9 14.92 -9.62 -2.73
CA LYS B 9 15.00 -8.34 -3.41
C LYS B 9 13.65 -8.07 -4.08
N PRO B 10 13.12 -6.85 -3.91
CA PRO B 10 11.80 -6.51 -4.43
C PRO B 10 11.62 -6.84 -5.91
N PHE B 11 12.64 -6.64 -6.74
CA PHE B 11 12.49 -6.90 -8.16
C PHE B 11 12.42 -8.39 -8.52
N LYS B 12 12.55 -9.26 -7.51
CA LYS B 12 12.49 -10.71 -7.72
C LYS B 12 11.12 -11.32 -7.39
N LEU B 13 10.21 -10.51 -6.86
CA LEU B 13 8.90 -11.03 -6.42
C LEU B 13 8.12 -11.75 -7.53
N ASP B 14 8.03 -11.15 -8.71
CA ASP B 14 7.27 -11.76 -9.80
C ASP B 14 7.86 -13.10 -10.24
N GLU B 15 9.18 -13.18 -10.34
CA GLU B 15 9.86 -14.42 -10.68
C GLU B 15 9.59 -15.52 -9.66
N VAL B 16 9.52 -15.15 -8.39
CA VAL B 16 9.24 -16.09 -7.31
C VAL B 16 7.79 -16.58 -7.36
N ARG B 17 6.86 -15.66 -7.59
CA ARG B 17 5.46 -16.04 -7.68
C ARG B 17 5.24 -16.95 -8.86
N GLU B 18 5.91 -16.66 -9.98
CA GLU B 18 5.83 -17.50 -11.17
C GLU B 18 6.31 -18.91 -10.88
N ALA B 19 7.45 -19.03 -10.20
CA ALA B 19 7.98 -20.33 -9.80
C ALA B 19 7.03 -21.11 -8.90
N LEU B 20 6.38 -20.42 -7.97
CA LEU B 20 5.43 -21.05 -7.05
C LEU B 20 4.18 -21.54 -7.78
N THR B 21 3.64 -20.70 -8.65
CA THR B 21 2.45 -21.04 -9.43
C THR B 21 2.66 -22.32 -10.25
N SER B 22 3.87 -22.48 -10.79
CA SER B 22 4.20 -23.64 -11.59
C SER B 22 4.21 -24.91 -10.72
N LEU B 23 4.42 -24.72 -9.42
CA LEU B 23 4.38 -25.82 -8.45
C LEU B 23 2.95 -26.15 -8.05
N GLY B 24 2.02 -25.29 -8.43
CA GLY B 24 0.64 -25.45 -8.01
C GLY B 24 0.35 -24.73 -6.71
N ILE B 25 1.26 -23.85 -6.31
CA ILE B 25 1.10 -23.03 -5.12
C ILE B 25 0.60 -21.65 -5.54
N GLN B 26 -0.70 -21.42 -5.40
CA GLN B 26 -1.30 -20.17 -5.85
C GLN B 26 -1.33 -19.11 -4.75
N GLY B 27 -1.64 -19.54 -3.53
CA GLY B 27 -1.80 -18.63 -2.41
C GLY B 27 -0.49 -18.28 -1.72
N LEU B 28 -0.32 -16.99 -1.44
CA LEU B 28 0.81 -16.51 -0.66
C LEU B 28 0.53 -15.09 -0.20
N THR B 29 1.27 -14.68 0.82
CA THR B 29 1.08 -13.37 1.44
C THR B 29 2.39 -12.59 1.42
N VAL B 30 2.33 -11.33 1.00
CA VAL B 30 3.54 -10.53 0.79
C VAL B 30 3.55 -9.29 1.68
N SER B 31 4.69 -9.04 2.31
CA SER B 31 4.88 -7.86 3.17
C SER B 31 6.04 -7.02 2.68
N GLU B 32 5.92 -5.70 2.83
CA GLU B 32 7.03 -4.80 2.54
C GLU B 32 7.82 -4.61 3.82
N VAL B 33 9.12 -4.83 3.76
CA VAL B 33 9.97 -4.71 4.92
C VAL B 33 11.23 -3.90 4.63
N LYS B 34 11.97 -3.58 5.68
CA LYS B 34 13.27 -2.92 5.58
C LYS B 34 14.35 -3.92 5.97
N GLY B 35 15.41 -4.00 5.18
CA GLY B 35 16.50 -4.92 5.47
C GLY B 35 17.76 -4.27 6.02
N PHE B 36 18.39 -4.96 6.96
CA PHE B 36 19.71 -4.57 7.47
C PHE B 36 20.63 -5.78 7.35
N GLY B 37 21.87 -5.54 6.92
CA GLY B 37 22.78 -6.64 6.71
C GLY B 37 24.21 -6.25 6.47
N ARG B 38 24.89 -7.04 5.65
CA ARG B 38 26.31 -6.87 5.36
C ARG B 38 26.69 -5.44 4.96
N GLU B 44 23.39 9.41 9.64
CA GLU B 44 23.49 10.80 10.08
C GLU B 44 23.19 10.87 11.58
N ILE B 45 24.09 11.51 12.31
CA ILE B 45 23.89 11.64 13.75
C ILE B 45 23.05 12.88 14.05
N TYR B 46 22.01 12.71 14.84
CA TYR B 46 21.24 13.86 15.32
C TYR B 46 20.90 13.75 16.81
N ARG B 47 21.40 14.71 17.59
CA ARG B 47 21.24 14.71 19.05
C ARG B 47 21.57 13.35 19.67
N GLY B 48 22.68 12.76 19.24
CA GLY B 48 23.17 11.52 19.82
C GLY B 48 22.71 10.23 19.15
N ALA B 49 21.62 10.31 18.39
CA ALA B 49 21.08 9.13 17.72
C ALA B 49 21.61 9.01 16.30
N GLU B 50 21.89 7.77 15.89
CA GLU B 50 22.48 7.51 14.59
C GLU B 50 21.44 7.02 13.60
N TYR B 51 20.99 7.91 12.71
CA TYR B 51 19.95 7.57 11.73
C TYR B 51 20.58 7.10 10.42
N SER B 52 19.94 6.13 9.77
CA SER B 52 20.42 5.68 8.47
C SER B 52 20.01 6.70 7.41
N VAL B 53 20.95 7.06 6.54
CA VAL B 53 20.69 8.02 5.47
C VAL B 53 19.67 7.41 4.52
N SER B 54 19.68 6.09 4.41
CA SER B 54 18.84 5.40 3.46
C SER B 54 18.32 4.07 3.99
N PHE B 55 17.22 3.61 3.43
CA PHE B 55 16.71 2.28 3.73
C PHE B 55 16.76 1.38 2.50
N LEU B 56 16.88 0.08 2.75
CA LEU B 56 16.96 -0.93 1.69
C LEU B 56 15.71 -1.80 1.74
N PRO B 57 14.74 -1.50 0.89
CA PRO B 57 13.48 -2.25 0.90
C PRO B 57 13.71 -3.72 0.53
N LYS B 58 12.98 -4.60 1.19
CA LYS B 58 12.95 -6.01 0.82
C LYS B 58 11.51 -6.44 0.80
N VAL B 59 11.25 -7.58 0.19
CA VAL B 59 9.91 -8.15 0.19
C VAL B 59 9.92 -9.42 1.03
N LYS B 60 8.96 -9.55 1.93
CA LYS B 60 8.80 -10.77 2.71
C LYS B 60 7.66 -11.62 2.15
N VAL B 61 8.00 -12.79 1.62
CA VAL B 61 7.02 -13.74 1.15
C VAL B 61 6.75 -14.74 2.24
N GLU B 62 5.48 -14.96 2.54
CA GLU B 62 5.07 -15.99 3.48
C GLU B 62 4.11 -16.94 2.81
N VAL B 63 4.45 -18.21 2.78
CA VAL B 63 3.57 -19.19 2.19
C VAL B 63 3.47 -20.45 3.05
N ALA B 64 2.24 -20.80 3.41
CA ALA B 64 1.95 -22.01 4.15
C ALA B 64 1.83 -23.16 3.15
N VAL B 65 2.55 -24.24 3.43
CA VAL B 65 2.63 -25.36 2.50
CA VAL B 65 2.62 -25.35 2.48
C VAL B 65 2.64 -26.69 3.25
N SER B 66 2.21 -27.75 2.58
CA SER B 66 2.20 -29.08 3.18
C SER B 66 3.62 -29.59 3.42
N ASP B 67 3.77 -30.54 4.34
CA ASP B 67 5.06 -31.17 4.60
C ASP B 67 5.65 -31.81 3.35
N ASP B 68 4.80 -32.29 2.46
CA ASP B 68 5.28 -32.98 1.26
C ASP B 68 5.76 -32.04 0.17
N GLN B 69 5.50 -30.75 0.32
CA GLN B 69 5.87 -29.79 -0.73
C GLN B 69 6.88 -28.73 -0.30
N TYR B 70 7.15 -28.61 0.99
CA TYR B 70 7.93 -27.47 1.46
C TYR B 70 9.36 -27.44 0.91
N GLU B 71 9.97 -28.61 0.74
CA GLU B 71 11.32 -28.69 0.20
C GLU B 71 11.39 -28.15 -1.22
N GLN B 72 10.41 -28.54 -2.04
CA GLN B 72 10.28 -28.06 -3.40
C GLN B 72 10.09 -26.55 -3.43
N VAL B 73 9.26 -26.05 -2.53
CA VAL B 73 8.99 -24.62 -2.45
C VAL B 73 10.26 -23.85 -2.09
N VAL B 74 10.98 -24.33 -1.08
CA VAL B 74 12.25 -23.71 -0.69
C VAL B 74 13.21 -23.66 -1.88
N GLU B 75 13.32 -24.77 -2.59
CA GLU B 75 14.23 -24.86 -3.74
C GLU B 75 13.80 -23.89 -4.85
N ALA B 76 12.50 -23.85 -5.12
CA ALA B 76 11.95 -22.97 -6.15
C ALA B 76 12.22 -21.50 -5.86
N ILE B 77 11.99 -21.09 -4.62
CA ILE B 77 12.21 -19.70 -4.23
C ILE B 77 13.68 -19.34 -4.31
N GLN B 78 14.54 -20.22 -3.81
CA GLN B 78 15.97 -19.99 -3.83
C GLN B 78 16.47 -19.74 -5.25
N LYS B 79 16.11 -20.65 -6.16
CA LYS B 79 16.56 -20.55 -7.55
C LYS B 79 16.03 -19.31 -8.25
N ALA B 80 14.78 -18.94 -7.96
CA ALA B 80 14.18 -17.80 -8.64
C ALA B 80 14.64 -16.46 -8.08
N ALA B 81 15.01 -16.44 -6.80
CA ALA B 81 15.36 -15.19 -6.12
C ALA B 81 16.85 -14.86 -6.21
N ASN B 82 17.64 -15.82 -6.69
CA ASN B 82 19.08 -15.70 -6.71
C ASN B 82 19.61 -14.77 -7.80
N THR B 83 20.55 -13.91 -7.42
CA THR B 83 21.31 -13.13 -8.39
C THR B 83 22.80 -13.44 -8.24
N GLY B 84 23.21 -13.84 -7.05
CA GLY B 84 24.61 -14.12 -6.77
C GLY B 84 25.31 -12.88 -6.24
N ARG B 85 24.56 -11.78 -6.19
CA ARG B 85 25.07 -10.52 -5.68
C ARG B 85 24.66 -10.33 -4.23
N ILE B 86 25.38 -9.48 -3.52
CA ILE B 86 25.10 -9.23 -2.11
C ILE B 86 23.64 -8.77 -1.93
N GLY B 87 22.99 -9.31 -0.91
CA GLY B 87 21.67 -8.85 -0.52
C GLY B 87 20.51 -9.71 -1.01
N ASP B 88 20.81 -10.89 -1.55
CA ASP B 88 19.77 -11.77 -2.09
C ASP B 88 18.76 -12.21 -1.05
N GLY B 89 19.19 -12.28 0.20
CA GLY B 89 18.28 -12.57 1.30
C GLY B 89 18.30 -14.00 1.78
N LYS B 90 17.21 -14.39 2.44
CA LYS B 90 17.17 -15.59 3.24
C LYS B 90 15.83 -16.30 3.13
N ILE B 91 15.84 -17.61 3.33
CA ILE B 91 14.60 -18.38 3.49
C ILE B 91 14.61 -19.07 4.84
N PHE B 92 13.52 -18.91 5.59
CA PHE B 92 13.36 -19.56 6.88
C PHE B 92 12.11 -20.43 6.83
N VAL B 93 12.22 -21.63 7.40
CA VAL B 93 11.09 -22.53 7.47
C VAL B 93 10.65 -22.68 8.92
N LEU B 94 9.38 -22.40 9.18
CA LEU B 94 8.79 -22.56 10.51
C LEU B 94 7.69 -23.61 10.43
N ASP B 95 7.43 -24.29 11.55
CA ASP B 95 6.35 -25.26 11.60
C ASP B 95 5.01 -24.61 11.94
N ILE B 96 3.95 -25.05 11.25
CA ILE B 96 2.61 -24.59 11.55
C ILE B 96 1.90 -25.70 12.29
N ALA B 97 1.32 -25.37 13.44
CA ALA B 97 0.66 -26.36 14.27
C ALA B 97 -0.75 -26.68 13.80
N GLN B 98 -1.42 -25.67 13.25
CA GLN B 98 -2.80 -25.82 12.83
C GLN B 98 -3.12 -24.75 11.80
N ALA B 99 -4.02 -25.06 10.86
CA ALA B 99 -4.47 -24.08 9.88
C ALA B 99 -5.99 -24.14 9.69
N VAL B 100 -6.59 -22.99 9.40
CA VAL B 100 -8.01 -22.89 9.10
C VAL B 100 -8.25 -22.00 7.89
N ARG B 101 -9.12 -22.46 6.98
CA ARG B 101 -9.62 -21.63 5.91
C ARG B 101 -10.85 -20.89 6.44
N ILE B 102 -10.79 -19.57 6.45
CA ILE B 102 -11.86 -18.78 7.07
C ILE B 102 -13.21 -18.92 6.37
N ARG B 103 -13.21 -19.03 5.05
CA ARG B 103 -14.44 -19.08 4.26
C ARG B 103 -15.31 -20.31 4.55
N THR B 104 -14.66 -21.43 4.84
CA THR B 104 -15.37 -22.70 4.94
C THR B 104 -15.23 -23.41 6.28
N GLY B 105 -14.14 -23.13 6.99
CA GLY B 105 -13.84 -23.85 8.22
C GLY B 105 -12.98 -25.07 8.00
N GLU B 106 -12.60 -25.31 6.74
CA GLU B 106 -11.69 -26.40 6.40
C GLU B 106 -10.40 -26.26 7.19
N THR B 107 -9.82 -27.39 7.57
CA THR B 107 -8.67 -27.35 8.47
C THR B 107 -7.43 -28.00 7.88
N ASN B 108 -6.29 -27.58 8.41
CA ASN B 108 -4.98 -28.12 8.06
C ASN B 108 -4.73 -28.23 6.55
N THR B 109 -4.35 -29.43 6.09
CA THR B 109 -4.06 -29.66 4.67
C THR B 109 -5.14 -29.10 3.72
N GLU B 110 -6.40 -29.27 4.10
CA GLU B 110 -7.52 -28.86 3.27
C GLU B 110 -7.72 -27.35 3.26
N ALA B 111 -7.05 -26.66 4.18
CA ALA B 111 -7.21 -25.22 4.27
C ALA B 111 -6.26 -24.47 3.36
N LEU B 112 -5.17 -25.11 2.97
CA LEU B 112 -4.05 -24.40 2.34
C LEU B 112 -4.29 -23.93 0.92
PB ADP C . -11.82 19.95 11.34
O1B ADP C . -11.31 20.06 9.93
O2B ADP C . -13.16 19.25 11.48
O3B ADP C . -11.69 21.22 12.15
PA ADP C . -9.20 19.09 12.23
O1A ADP C . -8.92 20.52 12.63
O2A ADP C . -8.80 17.96 13.16
O3A ADP C . -10.80 18.89 12.03
O5' ADP C . -8.50 18.75 10.82
C5' ADP C . -8.73 17.49 10.18
C4' ADP C . -7.57 17.07 9.29
O4' ADP C . -7.45 17.91 8.15
C3' ADP C . -6.20 17.10 9.96
O3' ADP C . -5.94 15.85 10.62
C2' ADP C . -5.25 17.37 8.81
O2' ADP C . -4.92 16.16 8.11
C1' ADP C . -6.08 18.18 7.84
N9 ADP C . -5.94 19.64 8.03
C8 ADP C . -6.69 20.43 8.81
N7 ADP C . -6.33 21.73 8.72
C5 ADP C . -5.32 21.79 7.82
C6 ADP C . -4.48 22.85 7.25
N6 ADP C . -4.62 24.15 7.61
N1 ADP C . -3.54 22.47 6.36
C2 ADP C . -3.39 21.19 5.98
N3 ADP C . -4.10 20.17 6.48
C4 ADP C . -5.07 20.41 7.38
PB ADP D . 23.03 -11.85 2.03
O1B ADP D . 21.82 -12.49 2.66
O2B ADP D . 23.16 -12.09 0.54
O3B ADP D . 24.31 -12.08 2.80
PA ADP D . 22.70 -9.41 3.50
O1A ADP D . 23.62 -10.12 4.48
O2A ADP D . 22.95 -7.97 3.14
O3A ADP D . 22.73 -10.27 2.12
O5' ADP D . 21.19 -9.50 4.06
C5' ADP D . 20.09 -9.73 3.17
C4' ADP D . 18.74 -9.39 3.81
O4' ADP D . 18.18 -10.54 4.45
C3' ADP D . 18.78 -8.30 4.87
O3' ADP D . 18.58 -7.00 4.31
C2' ADP D . 17.67 -8.70 5.84
O2' ADP D . 16.42 -8.16 5.38
C1' ADP D . 17.58 -10.20 5.70
N9 ADP D . 18.34 -10.91 6.75
C8 ADP D . 19.64 -11.26 6.65
N7 ADP D . 20.07 -11.92 7.76
C5 ADP D . 19.01 -12.03 8.59
C6 ADP D . 18.77 -12.62 9.92
N6 ADP D . 19.76 -13.24 10.60
N1 ADP D . 17.53 -12.51 10.41
C2 ADP D . 16.55 -11.89 9.75
N3 ADP D . 16.68 -11.32 8.53
C4 ADP D . 17.88 -11.37 7.92
O1 TLA E . 0.79 -32.66 5.15
O11 TLA E . 1.69 -30.94 6.16
C1 TLA E . 0.88 -31.89 6.12
C2 TLA E . 0.00 -32.13 7.29
O2 TLA E . 0.33 -31.21 8.34
C3 TLA E . 0.29 -33.53 7.80
O3 TLA E . 1.54 -33.45 8.50
C4 TLA E . -0.78 -33.96 8.75
O4 TLA E . -0.46 -34.26 9.91
O41 TLA E . -1.96 -34.00 8.35
#